data_1VKH
#
_entry.id   1VKH
#
_cell.length_a   41.967
_cell.length_b   85.959
_cell.length_c   70.479
_cell.angle_alpha   90.00
_cell.angle_beta   97.71
_cell.angle_gamma   90.00
#
_symmetry.space_group_name_H-M   'P 1 21 1'
#
loop_
_entity.id
_entity.type
_entity.pdbx_description
1 polymer 'putative serine hydrolase'
2 non-polymer GLYCEROL
3 non-polymer 'CHLORIDE ION'
4 water water
#
_entity_poly.entity_id   1
_entity_poly.type   'polypeptide(L)'
_entity_poly.pdbx_seq_one_letter_code
;MGSDKIHHHHHH(MSE)SNTVRAISPDITLFNKTLTFQEISQNTREAVIYIHGGAWNDPENTPNDFNQLANTIKS(MSE)
DTESTVCQYSIEYRLSPEITNPRNLYDAVSNITRLVKEKGLTNIN(MSE)VGHSVGATFIWQILAALKDPQEK(MSE)SE
AQLQ(MSE)LGLLQIVKRVFLLDGIYSLKELLIEYPEYDCFTRLAFPDGIQ(MSE)YEEEPSRV(MSE)PYVKKALSRFS
ID(MSE)HLVHSYSDELLTLRQTNCLISCLQDYQLSFKLYLDDLGLHNDVYKNGKVAKYIFDNIC
;
_entity_poly.pdbx_strand_id   A,B
#
# COMPACT_ATOMS: atom_id res chain seq x y z
N HIS A 11 -40.23 15.99 2.70
CA HIS A 11 -39.94 14.85 1.78
C HIS A 11 -38.93 15.26 0.70
N HIS A 12 -38.24 14.29 0.08
CA HIS A 12 -37.23 14.63 -0.96
C HIS A 12 -36.78 13.43 -1.84
N THR A 16 -29.35 15.74 -2.13
CA THR A 16 -29.79 15.98 -0.78
C THR A 16 -29.12 17.19 -0.11
N VAL A 17 -28.30 17.96 -0.84
CA VAL A 17 -27.76 19.20 -0.24
C VAL A 17 -28.78 20.34 -0.35
N ARG A 18 -28.63 21.34 0.54
CA ARG A 18 -29.51 22.51 0.50
C ARG A 18 -29.01 23.39 -0.62
N ALA A 19 -29.74 23.42 -1.75
CA ALA A 19 -29.32 24.23 -2.91
C ALA A 19 -29.18 25.72 -2.54
N ILE A 20 -28.15 26.38 -3.04
CA ILE A 20 -27.90 27.80 -2.75
C ILE A 20 -28.04 28.66 -4.02
N SER A 21 -28.22 29.97 -3.84
CA SER A 21 -28.22 30.96 -4.93
C SER A 21 -27.46 32.24 -4.51
N PRO A 22 -26.62 32.77 -5.39
CA PRO A 22 -26.20 32.07 -6.60
C PRO A 22 -25.23 30.94 -6.24
N ASP A 23 -25.04 30.01 -7.16
CA ASP A 23 -24.18 28.88 -6.90
C ASP A 23 -23.06 28.90 -7.93
N ILE A 24 -22.14 29.85 -7.78
CA ILE A 24 -21.07 30.02 -8.76
C ILE A 24 -20.18 28.82 -8.82
N THR A 25 -19.90 28.21 -7.68
CA THR A 25 -18.88 27.17 -7.61
C THR A 25 -19.40 25.74 -7.84
N LEU A 26 -20.71 25.61 -8.12
CA LEU A 26 -21.37 24.33 -8.45
C LEU A 26 -21.64 23.42 -7.25
N PHE A 27 -21.87 24.04 -6.10
CA PHE A 27 -22.18 23.27 -4.90
C PHE A 27 -23.49 22.47 -5.14
N ASN A 28 -24.41 23.01 -5.93
CA ASN A 28 -25.73 22.39 -6.10
C ASN A 28 -25.65 21.10 -6.92
N LYS A 29 -24.51 20.87 -7.58
CA LYS A 29 -24.23 19.67 -8.33
C LYS A 29 -23.62 18.51 -7.51
N THR A 30 -23.47 18.72 -6.21
CA THR A 30 -23.03 17.70 -5.30
C THR A 30 -23.98 16.51 -5.30
N LEU A 31 -23.45 15.31 -5.50
CA LEU A 31 -24.23 14.10 -5.36
C LEU A 31 -24.02 13.43 -4.00
N THR A 32 -25.08 12.79 -3.55
CA THR A 32 -25.04 11.94 -2.35
C THR A 32 -25.23 10.50 -2.79
N PHE A 33 -24.25 9.63 -2.58
CA PHE A 33 -24.41 8.19 -2.89
C PHE A 33 -24.87 7.42 -1.67
N GLN A 34 -24.58 7.91 -0.48
CA GLN A 34 -25.02 7.16 0.69
C GLN A 34 -25.18 8.22 1.78
N GLU A 35 -26.41 8.40 2.24
CA GLU A 35 -26.69 9.45 3.22
C GLU A 35 -26.27 9.02 4.63
N ILE A 36 -26.02 10.03 5.45
CA ILE A 36 -25.90 9.84 6.88
C ILE A 36 -27.12 9.24 7.56
N SER A 37 -26.86 8.33 8.47
CA SER A 37 -27.88 7.79 9.31
C SER A 37 -27.29 7.42 10.68
N GLN A 38 -28.04 6.66 11.48
CA GLN A 38 -27.74 6.47 12.91
C GLN A 38 -26.32 5.97 13.17
N ASN A 39 -25.85 5.03 12.36
CA ASN A 39 -24.57 4.39 12.62
C ASN A 39 -23.39 4.96 11.84
N THR A 40 -23.59 6.05 11.12
CA THR A 40 -22.54 6.58 10.26
C THR A 40 -21.36 7.05 11.12
N ARG A 41 -20.16 6.58 10.77
CA ARG A 41 -18.91 6.95 11.45
C ARG A 41 -17.89 7.66 10.58
N GLU A 42 -17.91 7.42 9.28
CA GLU A 42 -16.88 7.96 8.37
C GLU A 42 -17.56 8.54 7.13
N ALA A 43 -16.95 9.59 6.56
CA ALA A 43 -17.43 10.16 5.31
C ALA A 43 -16.41 9.93 4.23
N VAL A 44 -16.89 9.53 3.05
CA VAL A 44 -16.10 9.46 1.84
C VAL A 44 -16.55 10.58 0.93
N ILE A 45 -15.60 11.42 0.52
CA ILE A 45 -15.87 12.48 -0.46
C ILE A 45 -15.00 12.29 -1.70
N TYR A 46 -15.70 12.16 -2.83
CA TYR A 46 -15.10 11.87 -4.14
C TYR A 46 -14.89 13.15 -4.94
N ILE A 47 -13.78 13.16 -5.67
CA ILE A 47 -13.49 14.22 -6.65
C ILE A 47 -13.08 13.58 -7.98
N HIS A 48 -13.92 13.80 -8.97
CA HIS A 48 -13.75 13.23 -10.31
C HIS A 48 -12.57 13.93 -10.96
N GLY A 49 -12.01 13.31 -12.00
CA GLY A 49 -10.91 13.91 -12.78
C GLY A 49 -11.45 14.30 -14.15
N GLY A 50 -10.62 14.15 -15.17
CA GLY A 50 -10.88 14.63 -16.52
C GLY A 50 -10.08 15.81 -17.05
N ALA A 51 -8.80 15.91 -16.65
CA ALA A 51 -7.87 16.77 -17.34
C ALA A 51 -8.22 18.25 -17.21
N TRP A 52 -8.95 18.59 -16.15
CA TRP A 52 -9.46 19.97 -15.91
C TRP A 52 -10.52 20.43 -16.91
N ASN A 53 -10.94 19.58 -17.86
CA ASN A 53 -11.61 20.09 -19.08
C ASN A 53 -12.79 19.23 -19.63
N ASP A 54 -12.79 17.96 -19.30
CA ASP A 54 -13.70 17.04 -19.97
C ASP A 54 -15.10 17.04 -19.32
N PRO A 55 -16.12 17.55 -20.00
CA PRO A 55 -17.45 17.63 -19.40
C PRO A 55 -18.13 16.25 -19.21
N GLU A 56 -17.54 15.19 -19.75
CA GLU A 56 -18.09 13.84 -19.59
C GLU A 56 -17.73 13.23 -18.24
N ASN A 57 -16.70 13.77 -17.57
CA ASN A 57 -16.42 13.36 -16.19
C ASN A 57 -17.20 14.20 -15.23
N THR A 58 -18.05 13.59 -14.43
CA THR A 58 -18.95 14.29 -13.53
C THR A 58 -18.86 13.68 -12.15
N PRO A 59 -19.53 14.23 -11.17
CA PRO A 59 -19.59 13.58 -9.84
C PRO A 59 -20.19 12.16 -9.87
N ASN A 60 -20.95 11.87 -10.91
CA ASN A 60 -21.54 10.53 -11.09
C ASN A 60 -20.58 9.47 -11.58
N ASP A 61 -19.36 9.87 -11.92
CA ASP A 61 -18.36 8.92 -12.30
C ASP A 61 -18.20 7.77 -11.27
N PHE A 62 -18.34 8.12 -10.00
CA PHE A 62 -18.10 7.19 -8.87
C PHE A 62 -19.33 6.43 -8.43
N ASN A 63 -20.42 6.52 -9.19
CA ASN A 63 -21.66 5.87 -8.83
C ASN A 63 -21.55 4.36 -8.57
N GLN A 64 -20.90 3.67 -9.52
CA GLN A 64 -20.72 2.25 -9.42
C GLN A 64 -19.88 1.87 -8.22
N LEU A 65 -18.74 2.53 -8.09
CA LEU A 65 -17.82 2.27 -6.97
C LEU A 65 -18.45 2.55 -5.62
N ALA A 66 -19.19 3.65 -5.53
CA ALA A 66 -19.83 4.02 -4.26
C ALA A 66 -20.90 3.03 -3.92
N ASN A 67 -21.56 2.51 -4.94
CA ASN A 67 -22.60 1.56 -4.69
C ASN A 67 -22.08 0.19 -4.30
N THR A 68 -20.94 -0.21 -4.85
CA THR A 68 -20.27 -1.40 -4.39
C THR A 68 -19.86 -1.22 -2.92
N ILE A 69 -19.30 -0.09 -2.57
CA ILE A 69 -18.96 0.15 -1.17
C ILE A 69 -20.21 0.12 -0.23
N LYS A 70 -21.30 0.75 -0.67
CA LYS A 70 -22.56 0.76 0.06
C LYS A 70 -23.03 -0.70 0.32
N SER A 71 -22.85 -1.59 -0.66
CA SER A 71 -23.22 -3.00 -0.48
C SER A 71 -22.37 -3.66 0.59
N ASP A 73 -20.87 -2.28 2.93
CA ASP A 73 -21.02 -1.57 4.21
C ASP A 73 -22.32 -1.98 4.82
N THR A 74 -22.39 -3.22 5.31
CA THR A 74 -23.65 -3.77 5.71
C THR A 74 -24.17 -3.11 6.99
N GLU A 75 -23.29 -2.47 7.78
CA GLU A 75 -23.73 -1.76 8.99
C GLU A 75 -23.97 -0.26 8.77
N SER A 76 -23.79 0.25 7.55
CA SER A 76 -24.04 1.66 7.24
C SER A 76 -23.21 2.56 8.12
N THR A 77 -21.93 2.26 8.11
CA THR A 77 -20.97 3.11 8.83
C THR A 77 -20.38 4.22 7.96
N VAL A 78 -20.62 4.11 6.65
CA VAL A 78 -20.07 5.04 5.65
C VAL A 78 -21.13 5.94 5.06
N CYS A 79 -20.87 7.24 4.94
CA CYS A 79 -21.69 8.11 4.10
C CYS A 79 -20.81 8.56 2.96
N GLN A 80 -21.41 8.92 1.84
CA GLN A 80 -20.63 9.12 0.61
C GLN A 80 -21.21 10.20 -0.27
N TYR A 81 -20.34 11.13 -0.65
CA TYR A 81 -20.70 12.29 -1.49
C TYR A 81 -19.65 12.51 -2.59
N SER A 82 -20.07 13.23 -3.62
CA SER A 82 -19.20 13.49 -4.77
C SER A 82 -19.37 14.93 -5.21
N ILE A 83 -18.25 15.65 -5.37
CA ILE A 83 -18.36 17.04 -5.64
C ILE A 83 -18.05 17.45 -7.08
N GLU A 84 -18.58 18.63 -7.42
CA GLU A 84 -18.42 19.19 -8.74
C GLU A 84 -17.48 20.43 -8.64
N TYR A 85 -16.94 20.84 -9.78
CA TYR A 85 -16.11 22.02 -9.84
C TYR A 85 -16.20 22.53 -11.29
N ARG A 86 -15.88 23.80 -11.53
CA ARG A 86 -15.91 24.36 -12.91
C ARG A 86 -14.67 23.93 -13.70
N LEU A 87 -14.82 23.86 -15.02
CA LEU A 87 -13.80 23.38 -15.92
C LEU A 87 -13.07 24.45 -16.77
N SER A 88 -11.84 24.11 -17.16
CA SER A 88 -11.13 24.90 -18.14
C SER A 88 -11.89 24.77 -19.48
N PRO A 89 -11.69 25.67 -20.42
CA PRO A 89 -10.69 26.74 -20.38
C PRO A 89 -11.16 28.00 -19.65
N GLU A 90 -12.43 28.06 -19.27
CA GLU A 90 -12.97 29.29 -18.71
C GLU A 90 -12.51 29.53 -17.28
N ILE A 91 -12.33 28.44 -16.54
CA ILE A 91 -11.87 28.45 -15.14
C ILE A 91 -10.53 27.69 -15.13
N THR A 92 -9.47 28.32 -14.62
CA THR A 92 -8.13 27.76 -14.73
C THR A 92 -7.53 27.61 -13.33
N ASN A 93 -6.40 26.92 -13.23
CA ASN A 93 -5.78 26.61 -11.93
C ASN A 93 -5.47 27.90 -11.14
N PRO A 94 -5.69 27.98 -9.82
CA PRO A 94 -6.19 26.96 -8.92
C PRO A 94 -7.71 27.15 -8.64
N ARG A 95 -8.39 27.87 -9.51
CA ARG A 95 -9.78 28.19 -9.33
C ARG A 95 -10.69 26.95 -9.44
N ASN A 96 -10.33 25.95 -10.26
CA ASN A 96 -11.16 24.69 -10.27
C ASN A 96 -11.04 23.99 -8.89
N LEU A 97 -9.82 23.86 -8.41
CA LEU A 97 -9.55 23.38 -7.04
C LEU A 97 -10.32 24.16 -6.00
N TYR A 98 -10.29 25.48 -6.09
CA TYR A 98 -10.95 26.29 -5.06
C TYR A 98 -12.48 26.03 -5.07
N ASP A 99 -13.04 25.72 -6.23
CA ASP A 99 -14.48 25.31 -6.29
C ASP A 99 -14.70 24.03 -5.49
N ALA A 100 -13.81 23.04 -5.68
CA ALA A 100 -13.96 21.79 -4.97
C ALA A 100 -13.78 22.02 -3.47
N VAL A 101 -12.78 22.81 -3.10
CA VAL A 101 -12.56 23.15 -1.70
C VAL A 101 -13.79 23.86 -1.11
N SER A 102 -14.30 24.85 -1.83
CA SER A 102 -15.47 25.59 -1.37
C SER A 102 -16.65 24.66 -1.12
N ASN A 103 -16.88 23.81 -2.09
CA ASN A 103 -18.06 22.89 -2.07
C ASN A 103 -17.95 21.88 -0.95
N ILE A 104 -16.72 21.36 -0.74
CA ILE A 104 -16.48 20.41 0.35
C ILE A 104 -16.69 21.15 1.68
N THR A 105 -16.17 22.37 1.81
CA THR A 105 -16.33 23.14 3.04
C THR A 105 -17.82 23.31 3.40
N ARG A 106 -18.64 23.64 2.41
CA ARG A 106 -20.08 23.84 2.61
C ARG A 106 -20.81 22.54 3.00
N LEU A 107 -20.46 21.46 2.31
CA LEU A 107 -20.96 20.12 2.59
C LEU A 107 -20.65 19.67 4.00
N VAL A 108 -19.40 19.81 4.43
CA VAL A 108 -19.01 19.48 5.80
C VAL A 108 -19.89 20.25 6.83
N LYS A 109 -20.10 21.54 6.61
CA LYS A 109 -20.86 22.36 7.55
C LYS A 109 -22.31 22.00 7.54
N GLU A 110 -22.84 21.77 6.36
CA GLU A 110 -24.25 21.45 6.20
C GLU A 110 -24.63 20.11 6.79
N LYS A 111 -23.83 19.09 6.50
CA LYS A 111 -24.07 17.73 7.02
C LYS A 111 -23.43 17.47 8.38
N GLY A 112 -22.59 18.38 8.88
CA GLY A 112 -21.87 18.15 10.13
C GLY A 112 -20.88 16.98 10.04
N LEU A 113 -20.10 16.94 8.96
CA LEU A 113 -19.08 15.92 8.79
C LEU A 113 -17.87 16.18 9.68
N THR A 114 -17.64 15.28 10.61
CA THR A 114 -16.62 15.49 11.61
C THR A 114 -15.30 15.00 11.11
N ASN A 115 -15.34 14.01 10.24
CA ASN A 115 -14.11 13.59 9.59
C ASN A 115 -14.42 13.13 8.21
N ILE A 116 -13.37 12.96 7.42
CA ILE A 116 -13.50 12.67 6.01
C ILE A 116 -12.36 11.88 5.42
N ASN A 117 -12.73 11.06 4.45
CA ASN A 117 -11.83 10.35 3.60
C ASN A 117 -11.96 10.88 2.18
N VAL A 119 -11.36 10.81 -1.77
CA VAL A 119 -11.00 9.98 -2.88
C VAL A 119 -11.02 10.79 -4.18
N GLY A 120 -9.89 10.78 -4.89
CA GLY A 120 -9.81 11.45 -6.17
C GLY A 120 -9.14 10.61 -7.25
N HIS A 121 -9.56 10.85 -8.48
CA HIS A 121 -9.00 10.14 -9.64
C HIS A 121 -8.38 11.18 -10.59
N SER A 122 -7.19 10.94 -11.14
CA SER A 122 -6.64 11.82 -12.21
C SER A 122 -6.45 13.22 -11.57
N VAL A 123 -6.94 14.24 -12.21
CA VAL A 123 -6.95 15.60 -11.65
C VAL A 123 -7.68 15.77 -10.31
N GLY A 124 -8.66 14.93 -10.01
CA GLY A 124 -9.24 14.95 -8.64
C GLY A 124 -8.18 14.61 -7.57
N ALA A 125 -7.32 13.65 -7.88
CA ALA A 125 -6.20 13.31 -7.00
C ALA A 125 -5.25 14.47 -6.96
N THR A 126 -5.08 15.17 -8.08
CA THR A 126 -4.26 16.38 -8.09
C THR A 126 -4.78 17.38 -7.07
N PHE A 127 -6.08 17.59 -7.05
CA PHE A 127 -6.64 18.56 -6.10
C PHE A 127 -6.35 18.15 -4.66
N ILE A 128 -6.51 16.86 -4.34
CA ILE A 128 -6.28 16.42 -2.97
C ILE A 128 -4.80 16.67 -2.61
N TRP A 129 -3.90 16.31 -3.53
CA TRP A 129 -2.49 16.59 -3.38
C TRP A 129 -2.24 18.08 -3.11
N GLN A 130 -2.90 18.96 -3.90
CA GLN A 130 -2.75 20.41 -3.67
C GLN A 130 -3.21 20.83 -2.24
N ILE A 131 -4.34 20.25 -1.80
CA ILE A 131 -4.82 20.53 -0.43
C ILE A 131 -3.73 20.10 0.58
N LEU A 132 -3.09 18.94 0.37
CA LEU A 132 -2.12 18.41 1.35
C LEU A 132 -0.88 19.32 1.50
N ALA A 133 -0.70 20.18 0.49
CA ALA A 133 0.42 21.13 0.41
C ALA A 133 0.15 22.53 0.94
N ALA A 134 -1.05 22.72 1.50
CA ALA A 134 -1.52 24.06 1.94
C ALA A 134 -0.60 24.76 2.97
N LEU A 135 0.14 24.01 3.80
CA LEU A 135 0.99 24.66 4.79
C LEU A 135 2.16 25.41 4.18
N LYS A 136 2.33 25.28 2.86
CA LYS A 136 3.34 26.07 2.16
C LYS A 136 3.20 27.58 2.41
N ASP A 137 2.00 28.01 2.79
CA ASP A 137 1.73 29.42 3.08
C ASP A 137 1.41 29.57 4.55
N PRO A 138 2.01 30.54 5.20
CA PRO A 138 1.71 30.78 6.61
C PRO A 138 0.36 31.44 6.80
N GLN A 139 -0.18 31.28 8.00
CA GLN A 139 -1.54 31.80 8.32
C GLN A 139 -1.68 33.29 8.06
N GLU A 140 -0.56 34.02 8.13
CA GLU A 140 -0.58 35.46 7.86
C GLU A 140 -0.86 35.80 6.40
N LYS A 141 -0.53 34.89 5.48
CA LYS A 141 -0.70 35.10 4.05
C LYS A 141 -1.82 34.34 3.40
N SER A 143 -4.92 32.97 1.79
CA SER A 143 -6.17 33.51 1.25
C SER A 143 -7.36 32.82 1.89
N GLU A 144 -8.57 33.28 1.58
CA GLU A 144 -9.75 32.56 2.07
C GLU A 144 -9.84 31.06 1.62
N ALA A 145 -9.56 30.79 0.35
CA ALA A 145 -9.47 29.42 -0.13
C ALA A 145 -8.42 28.62 0.59
N GLN A 146 -7.25 29.21 0.85
CA GLN A 146 -6.21 28.50 1.56
C GLN A 146 -6.60 28.20 3.00
N LEU A 147 -7.28 29.15 3.65
CA LEU A 147 -7.79 28.93 5.00
C LEU A 147 -8.79 27.79 5.03
N GLN A 148 -9.64 27.72 3.99
CA GLN A 148 -10.57 26.58 3.87
C GLN A 148 -9.80 25.28 3.69
N LEU A 150 -6.77 24.60 4.91
CA LEU A 150 -6.31 24.32 6.29
C LEU A 150 -7.44 23.66 7.14
N GLY A 151 -8.65 24.19 6.96
CA GLY A 151 -9.85 23.70 7.61
C GLY A 151 -10.13 22.26 7.25
N LEU A 152 -9.94 21.90 5.99
CA LEU A 152 -10.17 20.51 5.56
C LEU A 152 -9.09 19.54 6.08
N LEU A 153 -7.83 20.00 6.06
CA LEU A 153 -6.71 19.22 6.62
C LEU A 153 -7.02 18.83 8.07
N GLN A 154 -7.68 19.72 8.81
CA GLN A 154 -7.97 19.47 10.20
C GLN A 154 -8.94 18.32 10.41
N ILE A 155 -9.73 17.99 9.42
CA ILE A 155 -10.70 16.92 9.53
C ILE A 155 -10.50 15.66 8.63
N VAL A 156 -9.54 15.71 7.75
CA VAL A 156 -9.25 14.58 6.83
C VAL A 156 -8.54 13.48 7.59
N LYS A 157 -9.03 12.25 7.45
CA LYS A 157 -8.39 11.10 8.07
C LYS A 157 -7.49 10.34 7.12
N ARG A 158 -7.91 10.26 5.87
CA ARG A 158 -7.21 9.46 4.85
C ARG A 158 -7.46 10.06 3.51
N VAL A 159 -6.52 9.85 2.60
CA VAL A 159 -6.78 10.14 1.21
C VAL A 159 -6.40 8.90 0.38
N PHE A 160 -7.13 8.76 -0.73
CA PHE A 160 -6.97 7.72 -1.73
C PHE A 160 -6.81 8.39 -3.06
N LEU A 161 -5.58 8.33 -3.58
CA LEU A 161 -5.22 9.02 -4.78
C LEU A 161 -5.11 8.02 -5.91
N LEU A 162 -6.07 8.06 -6.85
CA LEU A 162 -6.20 7.04 -7.90
C LEU A 162 -5.70 7.55 -9.24
N ASP A 163 -4.59 6.99 -9.70
CA ASP A 163 -3.98 7.32 -11.02
C ASP A 163 -3.89 8.83 -11.19
N GLY A 164 -3.24 9.46 -10.21
CA GLY A 164 -3.17 10.92 -10.13
C GLY A 164 -2.07 11.59 -10.96
N ILE A 165 -2.22 12.90 -11.12
CA ILE A 165 -1.17 13.77 -11.70
C ILE A 165 -0.60 14.60 -10.57
N TYR A 166 0.68 14.44 -10.31
CA TYR A 166 1.36 15.16 -9.21
C TYR A 166 2.38 16.21 -9.70
N SER A 167 3.06 15.93 -10.79
CA SER A 167 4.09 16.83 -11.30
C SER A 167 3.62 17.23 -12.69
N LEU A 168 3.21 18.49 -12.87
CA LEU A 168 2.95 18.99 -14.22
C LEU A 168 4.23 18.98 -15.07
N LYS A 169 5.37 19.30 -14.46
CA LYS A 169 6.58 19.33 -15.20
C LYS A 169 6.92 17.99 -15.81
N GLU A 170 6.79 16.96 -15.00
CA GLU A 170 7.09 15.59 -15.44
C GLU A 170 6.04 15.07 -16.37
N LEU A 171 4.80 15.54 -16.22
CA LEU A 171 3.74 15.16 -17.14
C LEU A 171 4.05 15.64 -18.56
N LEU A 172 4.50 16.89 -18.70
CA LEU A 172 4.84 17.41 -20.03
C LEU A 172 6.11 16.88 -20.63
N ILE A 173 7.08 16.45 -19.82
CA ILE A 173 8.23 15.74 -20.34
C ILE A 173 7.81 14.41 -20.90
N GLU A 174 6.97 13.69 -20.17
CA GLU A 174 6.55 12.35 -20.59
C GLU A 174 5.59 12.41 -21.74
N TYR A 175 4.70 13.40 -21.70
CA TYR A 175 3.54 13.53 -22.62
C TYR A 175 3.42 14.98 -23.16
N PRO A 176 4.30 15.35 -24.08
CA PRO A 176 4.20 16.65 -24.76
C PRO A 176 2.81 16.86 -25.33
N GLU A 177 2.20 15.78 -25.82
CA GLU A 177 0.86 15.88 -26.39
C GLU A 177 -0.18 16.37 -25.38
N TYR A 178 0.07 16.18 -24.09
CA TYR A 178 -0.89 16.62 -23.10
C TYR A 178 -0.94 18.15 -22.90
N ASP A 179 -0.03 18.87 -23.57
CA ASP A 179 -0.12 20.32 -23.64
C ASP A 179 -1.53 20.78 -24.07
N CYS A 180 -2.20 19.95 -24.88
CA CYS A 180 -3.52 20.34 -25.42
C CYS A 180 -4.51 20.66 -24.30
N PHE A 181 -4.41 19.93 -23.19
CA PHE A 181 -5.21 20.25 -21.99
C PHE A 181 -4.49 21.08 -20.92
N THR A 182 -3.19 20.85 -20.72
CA THR A 182 -2.56 21.63 -19.68
C THR A 182 -2.49 23.09 -20.01
N ARG A 183 -2.37 23.48 -21.30
CA ARG A 183 -2.34 24.89 -21.66
C ARG A 183 -3.66 25.59 -21.37
N LEU A 184 -4.74 24.82 -21.21
CA LEU A 184 -6.04 25.37 -20.93
C LEU A 184 -6.20 25.63 -19.42
N ALA A 185 -5.78 24.67 -18.61
CA ALA A 185 -5.79 24.81 -17.15
C ALA A 185 -4.64 25.71 -16.60
N PHE A 186 -3.54 25.79 -17.33
CA PHE A 186 -2.38 26.60 -16.95
C PHE A 186 -2.03 27.56 -18.09
N PRO A 187 -2.90 28.52 -18.33
CA PRO A 187 -2.74 29.37 -19.49
C PRO A 187 -1.49 30.30 -19.42
N ASP A 188 -0.84 30.48 -18.28
CA ASP A 188 0.37 31.28 -18.20
C ASP A 188 1.64 30.44 -18.09
N GLY A 189 1.46 29.13 -18.31
CA GLY A 189 2.54 28.21 -18.22
C GLY A 189 2.35 27.30 -17.03
N ILE A 190 2.77 26.06 -17.19
CA ILE A 190 2.69 25.10 -16.09
C ILE A 190 3.65 25.44 -14.96
N GLN A 191 4.59 26.35 -15.21
CA GLN A 191 5.47 26.78 -14.11
C GLN A 191 4.74 27.50 -13.00
N TYR A 193 2.07 26.20 -11.60
CA TYR A 193 1.63 25.18 -10.66
C TYR A 193 2.54 25.20 -9.45
N GLU A 194 1.97 25.51 -8.30
CA GLU A 194 2.72 25.70 -7.07
C GLU A 194 3.06 24.43 -6.27
N GLU A 195 2.58 23.28 -6.68
CA GLU A 195 2.68 22.09 -5.86
C GLU A 195 3.46 20.94 -6.53
N GLU A 196 4.53 21.30 -7.18
CA GLU A 196 5.53 20.29 -7.59
C GLU A 196 6.09 19.59 -6.36
N PRO A 197 6.07 18.26 -6.38
CA PRO A 197 6.53 17.47 -5.24
C PRO A 197 7.86 17.90 -4.71
N SER A 198 8.80 18.15 -5.61
CA SER A 198 10.14 18.47 -5.20
C SER A 198 10.23 19.83 -4.49
N ARG A 199 9.22 20.69 -4.67
CA ARG A 199 9.16 21.98 -4.02
C ARG A 199 8.34 21.98 -2.73
N VAL A 200 7.25 21.26 -2.70
CA VAL A 200 6.33 21.28 -1.54
C VAL A 200 6.34 20.07 -0.58
N PRO A 202 8.22 19.15 1.86
CA PRO A 202 8.41 19.47 3.28
C PRO A 202 7.11 19.89 3.97
N TYR A 203 6.21 20.57 3.23
CA TYR A 203 4.94 21.05 3.78
C TYR A 203 3.94 19.93 3.83
N VAL A 204 3.98 19.05 2.84
CA VAL A 204 3.09 17.88 2.87
C VAL A 204 3.50 16.98 4.04
N LYS A 205 4.78 16.81 4.25
CA LYS A 205 5.28 16.08 5.42
C LYS A 205 4.73 16.62 6.74
N LYS A 206 4.78 17.94 6.89
CA LYS A 206 4.25 18.60 8.08
C LYS A 206 2.72 18.31 8.24
N ALA A 207 1.97 18.40 7.13
CA ALA A 207 0.52 18.22 7.15
C ALA A 207 0.11 16.78 7.56
N LEU A 208 0.70 15.79 6.93
CA LEU A 208 0.39 14.41 7.25
C LEU A 208 0.67 14.10 8.71
N SER A 209 1.79 14.58 9.26
CA SER A 209 2.07 14.33 10.68
C SER A 209 1.17 15.13 11.64
N ARG A 210 1.04 16.41 11.34
CA ARG A 210 0.29 17.34 12.20
C ARG A 210 -1.16 16.95 12.33
N PHE A 211 -1.72 16.49 11.23
CA PHE A 211 -3.13 16.17 11.16
C PHE A 211 -3.44 14.67 11.11
N SER A 212 -2.42 13.83 11.25
CA SER A 212 -2.52 12.38 11.21
C SER A 212 -3.33 11.92 10.00
N ILE A 213 -2.83 12.25 8.82
CA ILE A 213 -3.50 11.84 7.57
C ILE A 213 -2.81 10.64 6.96
N ASP A 214 -3.57 9.58 6.64
CA ASP A 214 -3.02 8.44 5.96
C ASP A 214 -3.16 8.56 4.46
N HIS A 216 -2.88 6.94 0.70
CA HIS A 216 -3.03 5.70 -0.11
C HIS A 216 -2.87 6.16 -1.54
N LEU A 217 -1.89 5.59 -2.23
CA LEU A 217 -1.61 5.76 -3.67
C LEU A 217 -1.97 4.54 -4.44
N VAL A 218 -2.79 4.72 -5.50
CA VAL A 218 -3.27 3.56 -6.24
C VAL A 218 -2.92 3.85 -7.70
N HIS A 219 -2.40 2.86 -8.43
CA HIS A 219 -2.31 2.99 -9.90
C HIS A 219 -2.61 1.68 -10.62
N SER A 220 -3.16 1.80 -11.84
CA SER A 220 -3.44 0.60 -12.63
C SER A 220 -2.30 0.31 -13.61
N TYR A 221 -1.79 -0.92 -13.62
CA TYR A 221 -0.87 -1.35 -14.63
C TYR A 221 -1.45 -1.25 -16.07
N SER A 222 -2.78 -1.33 -16.23
CA SER A 222 -3.40 -1.16 -17.54
C SER A 222 -3.75 0.26 -17.96
N ASP A 223 -3.47 1.27 -17.13
CA ASP A 223 -3.80 2.66 -17.47
C ASP A 223 -3.05 3.05 -18.74
N GLU A 224 -3.82 3.36 -19.77
CA GLU A 224 -3.24 3.64 -21.07
C GLU A 224 -2.82 5.12 -21.23
N LEU A 225 -3.29 5.96 -20.32
CA LEU A 225 -3.08 7.40 -20.41
C LEU A 225 -2.00 7.90 -19.48
N LEU A 226 -1.80 7.19 -18.38
CA LEU A 226 -0.66 7.42 -17.49
C LEU A 226 0.10 6.16 -17.13
N THR A 227 1.37 6.11 -17.51
CA THR A 227 2.32 5.09 -17.01
C THR A 227 2.54 5.28 -15.51
N LEU A 228 3.36 4.40 -14.95
CA LEU A 228 3.74 4.49 -13.54
C LEU A 228 4.69 5.66 -13.24
N ARG A 229 5.04 6.47 -14.24
CA ARG A 229 6.08 7.47 -14.00
C ARG A 229 5.65 8.49 -12.94
N GLN A 230 4.42 9.00 -13.04
CA GLN A 230 3.94 9.99 -12.06
C GLN A 230 4.02 9.41 -10.64
N THR A 231 3.49 8.19 -10.52
CA THR A 231 3.52 7.45 -9.26
C THR A 231 4.94 7.28 -8.72
N ASN A 232 5.85 6.75 -9.53
CA ASN A 232 7.20 6.53 -9.12
C ASN A 232 7.94 7.82 -8.80
N CYS A 233 7.69 8.90 -9.55
CA CYS A 233 8.32 10.20 -9.20
C CYS A 233 7.81 10.66 -7.80
N LEU A 234 6.51 10.51 -7.53
CA LEU A 234 5.97 10.85 -6.19
C LEU A 234 6.59 9.98 -5.11
N ILE A 235 6.67 8.69 -5.37
CA ILE A 235 7.21 7.78 -4.38
C ILE A 235 8.62 8.11 -4.07
N SER A 236 9.40 8.44 -5.09
CA SER A 236 10.80 8.76 -4.85
C SER A 236 10.98 9.96 -3.88
N CYS A 237 10.13 10.97 -4.09
CA CYS A 237 10.10 12.14 -3.23
C CYS A 237 9.59 11.83 -1.83
N LEU A 238 8.52 11.03 -1.77
CA LEU A 238 7.97 10.64 -0.47
C LEU A 238 9.05 9.91 0.35
N GLN A 239 9.79 9.02 -0.30
CA GLN A 239 10.88 8.32 0.34
C GLN A 239 12.00 9.21 0.84
N ASP A 240 12.38 10.17 0.00
CA ASP A 240 13.49 11.08 0.32
C ASP A 240 13.14 11.92 1.52
N TYR A 241 11.86 12.27 1.73
CA TYR A 241 11.42 13.05 2.90
C TYR A 241 10.85 12.15 4.04
N GLN A 242 10.90 10.85 3.85
CA GLN A 242 10.48 9.86 4.82
C GLN A 242 9.02 10.09 5.26
N LEU A 243 8.14 10.31 4.28
CA LEU A 243 6.75 10.37 4.56
C LEU A 243 6.15 8.94 4.51
N SER A 244 5.37 8.58 5.51
CA SER A 244 4.66 7.31 5.47
C SER A 244 3.59 7.34 4.40
N PHE A 245 3.46 6.25 3.68
CA PHE A 245 2.32 6.10 2.77
C PHE A 245 2.11 4.61 2.47
N LYS A 246 1.02 4.32 1.83
CA LYS A 246 0.68 2.96 1.32
C LYS A 246 0.45 3.09 -0.18
N LEU A 247 0.88 2.05 -0.89
CA LEU A 247 0.72 1.95 -2.35
C LEU A 247 0.05 0.62 -2.69
N TYR A 248 -0.79 0.65 -3.73
CA TYR A 248 -1.50 -0.53 -4.23
C TYR A 248 -1.39 -0.47 -5.73
N LEU A 249 -0.74 -1.48 -6.32
CA LEU A 249 -0.66 -1.58 -7.75
C LEU A 249 -1.32 -2.85 -8.18
N ASP A 250 -2.16 -2.78 -9.21
CA ASP A 250 -2.85 -3.96 -9.72
C ASP A 250 -3.32 -3.66 -11.14
N ASP A 251 -3.90 -4.67 -11.78
CA ASP A 251 -4.54 -4.43 -13.08
C ASP A 251 -5.96 -4.03 -12.72
N LEU A 252 -6.22 -2.72 -12.75
CA LEU A 252 -7.49 -2.13 -12.37
C LEU A 252 -8.21 -1.51 -13.56
N GLY A 253 -7.76 -1.88 -14.76
CA GLY A 253 -8.36 -1.43 -15.99
C GLY A 253 -7.70 -0.17 -16.54
N LEU A 254 -8.37 0.37 -17.58
CA LEU A 254 -7.99 1.59 -18.29
C LEU A 254 -8.13 2.80 -17.35
N HIS A 255 -7.49 3.91 -17.73
CA HIS A 255 -7.54 5.10 -16.90
C HIS A 255 -8.97 5.37 -16.36
N ASN A 256 -9.95 5.38 -17.25
CA ASN A 256 -11.35 5.66 -16.85
C ASN A 256 -12.14 4.46 -16.35
N ASP A 257 -11.50 3.30 -16.23
CA ASP A 257 -12.16 2.15 -15.58
C ASP A 257 -11.82 2.12 -14.09
N VAL A 258 -10.74 2.79 -13.68
CA VAL A 258 -10.18 2.60 -12.34
C VAL A 258 -11.20 3.02 -11.29
N TYR A 259 -11.87 4.13 -11.52
CA TYR A 259 -12.84 4.68 -10.55
C TYR A 259 -14.20 3.95 -10.53
N LYS A 260 -14.31 2.91 -11.35
CA LYS A 260 -15.47 2.03 -11.44
C LYS A 260 -15.10 0.61 -10.95
N ASN A 261 -13.81 0.40 -10.66
CA ASN A 261 -13.32 -0.94 -10.48
C ASN A 261 -13.61 -1.53 -9.04
N GLY A 262 -14.17 -2.73 -9.05
CA GLY A 262 -14.61 -3.41 -7.82
C GLY A 262 -13.45 -3.71 -6.86
N LYS A 263 -12.22 -3.86 -7.39
CA LYS A 263 -11.04 -4.09 -6.56
C LYS A 263 -10.65 -2.79 -5.87
N VAL A 264 -10.91 -1.66 -6.54
CA VAL A 264 -10.67 -0.34 -5.92
C VAL A 264 -11.70 -0.10 -4.84
N ALA A 265 -12.99 -0.46 -5.08
CA ALA A 265 -14.00 -0.30 -4.07
C ALA A 265 -13.62 -1.08 -2.79
N LYS A 266 -13.18 -2.31 -2.99
CA LYS A 266 -12.78 -3.17 -1.90
C LYS A 266 -11.64 -2.57 -1.12
N TYR A 267 -10.66 -2.05 -1.85
CA TYR A 267 -9.45 -1.46 -1.23
C TYR A 267 -9.84 -0.29 -0.31
N ILE A 268 -10.66 0.61 -0.82
CA ILE A 268 -11.15 1.72 -0.02
C ILE A 268 -11.98 1.25 1.18
N PHE A 269 -13.00 0.42 0.95
CA PHE A 269 -13.78 -0.08 2.06
C PHE A 269 -12.91 -0.76 3.15
N ASP A 270 -12.03 -1.65 2.74
CA ASP A 270 -11.19 -2.37 3.68
C ASP A 270 -10.22 -1.50 4.49
N ASN A 271 -9.84 -0.34 3.96
CA ASN A 271 -8.89 0.59 4.60
C ASN A 271 -9.54 1.76 5.33
N ILE A 272 -10.85 1.76 5.40
CA ILE A 272 -11.47 2.71 6.26
C ILE A 272 -11.74 1.89 7.52
N CYS A 273 -10.77 1.92 8.45
CA CYS A 273 -10.74 1.09 9.67
C CYS A 273 -9.60 1.51 10.64
N PRO B 22 16.40 -37.84 15.52
CA PRO B 22 16.28 -36.57 16.23
C PRO B 22 15.58 -35.43 15.44
N ASP B 23 15.36 -34.33 16.11
CA ASP B 23 14.65 -33.21 15.50
C ASP B 23 15.68 -32.29 14.84
N ILE B 24 16.22 -32.77 13.73
CA ILE B 24 17.27 -32.11 13.00
C ILE B 24 16.85 -30.68 12.58
N THR B 25 15.64 -30.54 12.07
CA THR B 25 15.24 -29.24 11.51
C THR B 25 14.66 -28.27 12.57
N LEU B 26 14.60 -28.71 13.84
CA LEU B 26 14.12 -27.88 14.94
C LEU B 26 12.59 -27.57 14.89
N PHE B 27 11.80 -28.53 14.40
CA PHE B 27 10.32 -28.48 14.51
C PHE B 27 9.84 -28.26 15.95
N ASN B 28 10.50 -28.92 16.90
CA ASN B 28 10.09 -28.80 18.30
C ASN B 28 10.27 -27.41 18.95
N LYS B 29 10.93 -26.49 18.23
CA LYS B 29 11.11 -25.14 18.68
C LYS B 29 9.98 -24.23 18.20
N THR B 30 9.05 -24.78 17.41
CA THR B 30 7.87 -24.05 16.91
C THR B 30 7.07 -23.51 18.10
N LEU B 31 6.73 -22.24 18.08
CA LEU B 31 5.83 -21.68 19.08
C LEU B 31 4.39 -21.55 18.55
N THR B 32 3.42 -21.76 19.45
CA THR B 32 2.04 -21.44 19.16
C THR B 32 1.65 -20.17 19.93
N PHE B 33 1.25 -19.14 19.19
CA PHE B 33 0.81 -17.88 19.80
C PHE B 33 -0.69 -17.82 19.95
N GLN B 34 -1.41 -18.55 19.11
CA GLN B 34 -2.86 -18.49 19.17
C GLN B 34 -3.29 -19.78 18.53
N GLU B 35 -3.78 -20.71 19.34
CA GLU B 35 -4.13 -22.01 18.81
C GLU B 35 -5.50 -21.95 18.08
N ILE B 36 -5.75 -22.94 17.23
CA ILE B 36 -7.09 -23.09 16.60
C ILE B 36 -8.27 -23.20 17.59
N SER B 37 -9.39 -22.65 17.10
CA SER B 37 -10.64 -22.42 17.78
C SER B 37 -11.74 -22.86 16.82
N GLN B 38 -12.96 -22.85 17.34
CA GLN B 38 -14.16 -23.09 16.54
C GLN B 38 -14.20 -22.20 15.32
N ASN B 39 -13.85 -20.94 15.57
CA ASN B 39 -14.06 -19.86 14.64
C ASN B 39 -12.90 -19.63 13.68
N THR B 40 -11.80 -20.37 13.79
CA THR B 40 -10.55 -20.04 13.06
C THR B 40 -10.79 -20.22 11.57
N ARG B 41 -10.43 -19.19 10.79
CA ARG B 41 -10.54 -19.17 9.34
C ARG B 41 -9.20 -18.98 8.62
N GLU B 42 -8.26 -18.31 9.30
CA GLU B 42 -6.95 -17.98 8.72
C GLU B 42 -5.85 -18.39 9.69
N ALA B 43 -4.68 -18.75 9.16
CA ALA B 43 -3.47 -19.07 9.90
C ALA B 43 -2.41 -18.05 9.55
N VAL B 44 -1.70 -17.62 10.56
CA VAL B 44 -0.54 -16.82 10.37
C VAL B 44 0.72 -17.59 10.81
N ILE B 45 1.68 -17.66 9.93
CA ILE B 45 2.95 -18.31 10.28
C ILE B 45 4.11 -17.34 10.12
N TYR B 46 4.83 -17.16 11.21
CA TYR B 46 5.94 -16.23 11.29
C TYR B 46 7.30 -16.88 11.12
N ILE B 47 8.18 -16.18 10.43
CA ILE B 47 9.56 -16.60 10.26
C ILE B 47 10.48 -15.45 10.64
N HIS B 48 11.21 -15.65 11.75
CA HIS B 48 12.15 -14.66 12.27
C HIS B 48 13.33 -14.49 11.32
N GLY B 49 14.04 -13.35 11.40
CA GLY B 49 15.18 -13.12 10.58
C GLY B 49 16.44 -13.29 11.40
N GLY B 50 17.44 -12.46 11.11
CA GLY B 50 18.80 -12.62 11.76
C GLY B 50 20.00 -12.82 10.84
N ALA B 51 19.85 -12.47 9.56
CA ALA B 51 20.93 -12.52 8.58
C ALA B 51 21.51 -13.93 8.46
N TRP B 52 20.65 -14.94 8.63
CA TRP B 52 21.04 -16.35 8.53
C TRP B 52 21.78 -16.88 9.78
N ASN B 53 22.31 -16.00 10.65
CA ASN B 53 23.28 -16.42 11.65
C ASN B 53 23.09 -15.99 13.11
N ASP B 54 22.24 -14.99 13.38
CA ASP B 54 22.13 -14.36 14.70
C ASP B 54 21.28 -15.24 15.63
N PRO B 55 21.91 -15.85 16.63
CA PRO B 55 21.15 -16.70 17.53
C PRO B 55 20.19 -15.94 18.50
N GLU B 56 20.30 -14.61 18.57
CA GLU B 56 19.38 -13.78 19.37
C GLU B 56 18.05 -13.56 18.71
N ASN B 57 17.96 -13.81 17.40
CA ASN B 57 16.62 -13.89 16.79
C ASN B 57 16.05 -15.27 16.90
N THR B 58 14.86 -15.39 17.46
CA THR B 58 14.25 -16.65 17.67
C THR B 58 12.77 -16.58 17.29
N PRO B 59 12.03 -17.68 17.34
CA PRO B 59 10.59 -17.62 17.12
C PRO B 59 9.82 -16.67 18.07
N ASN B 60 10.33 -16.46 19.29
CA ASN B 60 9.73 -15.47 20.20
C ASN B 60 9.81 -14.04 19.68
N ASP B 61 10.58 -13.77 18.61
CA ASP B 61 10.72 -12.40 18.04
C ASP B 61 9.33 -11.82 17.80
N PHE B 62 8.41 -12.69 17.38
CA PHE B 62 7.05 -12.24 16.99
C PHE B 62 6.01 -12.38 18.09
N ASN B 63 6.42 -12.64 19.33
CA ASN B 63 5.46 -12.82 20.43
C ASN B 63 4.63 -11.58 20.63
N GLN B 64 5.26 -10.45 20.75
CA GLN B 64 4.57 -9.19 21.00
C GLN B 64 3.54 -8.89 19.88
N LEU B 65 4.00 -8.93 18.66
CA LEU B 65 3.14 -8.67 17.51
C LEU B 65 1.91 -9.59 17.50
N ALA B 66 2.17 -10.87 17.65
CA ALA B 66 1.12 -11.87 17.59
C ALA B 66 0.09 -11.74 18.71
N ASN B 67 0.57 -11.39 19.89
CA ASN B 67 -0.34 -11.17 21.00
C ASN B 67 -1.21 -9.92 20.84
N THR B 68 -0.67 -8.94 20.14
CA THR B 68 -1.44 -7.75 19.79
C THR B 68 -2.53 -8.11 18.78
N ILE B 69 -2.18 -8.85 17.75
CA ILE B 69 -3.12 -9.33 16.77
C ILE B 69 -4.22 -10.20 17.43
N LYS B 70 -3.83 -11.09 18.34
CA LYS B 70 -4.75 -11.92 19.06
C LYS B 70 -5.81 -11.08 19.76
N SER B 71 -5.38 -9.96 20.33
CA SER B 71 -6.24 -9.05 21.03
C SER B 71 -7.16 -8.32 20.09
N ASP B 73 -8.14 -9.66 17.39
CA ASP B 73 -8.96 -10.74 16.82
C ASP B 73 -10.06 -11.19 17.76
N THR B 74 -10.98 -10.29 18.03
CA THR B 74 -11.98 -10.53 19.04
C THR B 74 -12.80 -11.77 18.80
N GLU B 75 -12.94 -12.20 17.55
CA GLU B 75 -13.88 -13.28 17.20
C GLU B 75 -13.09 -14.59 16.99
N SER B 76 -11.81 -14.57 17.31
CA SER B 76 -10.90 -15.70 17.15
C SER B 76 -10.97 -16.32 15.77
N THR B 77 -10.76 -15.50 14.76
CA THR B 77 -10.69 -16.03 13.39
C THR B 77 -9.29 -16.45 12.95
N VAL B 78 -8.28 -16.15 13.77
CA VAL B 78 -6.88 -16.31 13.39
C VAL B 78 -6.23 -17.35 14.30
N CYS B 79 -5.38 -18.22 13.76
CA CYS B 79 -4.39 -18.94 14.58
C CYS B 79 -2.99 -18.50 14.13
N GLN B 80 -2.02 -18.61 15.03
CA GLN B 80 -0.69 -18.06 14.82
C GLN B 80 0.40 -18.95 15.41
N TYR B 81 1.49 -19.11 14.66
CA TYR B 81 2.62 -19.99 14.96
C TYR B 81 3.90 -19.36 14.45
N SER B 82 5.01 -19.71 15.07
CA SER B 82 6.27 -19.11 14.71
C SER B 82 7.31 -20.21 14.64
N ILE B 83 8.03 -20.24 13.52
CA ILE B 83 8.90 -21.35 13.27
C ILE B 83 10.39 -21.09 13.43
N GLU B 84 11.12 -22.19 13.55
CA GLU B 84 12.53 -22.17 13.73
C GLU B 84 13.25 -22.86 12.57
N TYR B 85 14.55 -22.59 12.48
CA TYR B 85 15.38 -23.17 11.46
C TYR B 85 16.85 -23.08 11.90
N ARG B 86 17.70 -23.97 11.39
CA ARG B 86 19.10 -23.96 11.83
C ARG B 86 19.77 -22.77 11.19
N LEU B 87 20.84 -22.33 11.83
CA LEU B 87 21.58 -21.14 11.43
C LEU B 87 22.94 -21.48 10.78
N SER B 88 23.45 -20.50 10.03
CA SER B 88 24.76 -20.54 9.46
C SER B 88 25.71 -20.09 10.58
N PRO B 89 26.97 -20.54 10.59
CA PRO B 89 27.63 -21.22 9.47
C PRO B 89 27.42 -22.73 9.43
N GLU B 90 26.82 -23.31 10.48
CA GLU B 90 26.69 -24.77 10.58
C GLU B 90 25.92 -25.31 9.37
N ILE B 91 24.89 -24.59 8.99
CA ILE B 91 24.18 -24.86 7.75
C ILE B 91 24.05 -23.63 6.87
N THR B 92 23.98 -23.86 5.56
CA THR B 92 24.13 -22.79 4.57
C THR B 92 22.97 -22.86 3.59
N ASN B 93 22.78 -21.80 2.83
CA ASN B 93 21.69 -21.69 1.86
C ASN B 93 21.65 -22.82 0.87
N PRO B 94 20.51 -23.46 0.55
CA PRO B 94 19.15 -23.15 1.00
C PRO B 94 18.66 -24.06 2.14
N ARG B 95 19.57 -24.66 2.90
CA ARG B 95 19.22 -25.63 3.95
C ARG B 95 18.50 -24.97 5.13
N ASN B 96 18.78 -23.69 5.40
CA ASN B 96 18.07 -22.98 6.46
C ASN B 96 16.60 -22.82 6.00
N LEU B 97 16.43 -22.41 4.75
CA LEU B 97 15.13 -22.31 4.11
C LEU B 97 14.41 -23.66 4.15
N TYR B 98 15.15 -24.72 3.82
CA TYR B 98 14.53 -26.02 3.79
C TYR B 98 14.04 -26.47 5.17
N ASP B 99 14.76 -26.09 6.22
CA ASP B 99 14.25 -26.35 7.59
C ASP B 99 12.92 -25.66 7.82
N ALA B 100 12.85 -24.39 7.45
CA ALA B 100 11.65 -23.61 7.62
C ALA B 100 10.50 -24.24 6.82
N VAL B 101 10.77 -24.61 5.57
CA VAL B 101 9.79 -25.28 4.73
C VAL B 101 9.28 -26.58 5.33
N SER B 102 10.21 -27.44 5.76
CA SER B 102 9.87 -28.71 6.37
C SER B 102 8.98 -28.52 7.60
N ASN B 103 9.38 -27.56 8.43
CA ASN B 103 8.69 -27.32 9.68
C ASN B 103 7.27 -26.83 9.41
N ILE B 104 7.12 -25.93 8.44
CA ILE B 104 5.77 -25.41 8.06
C ILE B 104 4.94 -26.51 7.48
N THR B 105 5.54 -27.34 6.62
CA THR B 105 4.80 -28.45 6.02
C THR B 105 4.20 -29.40 7.09
N ARG B 106 5.03 -29.74 8.08
CA ARG B 106 4.64 -30.64 9.16
C ARG B 106 3.52 -30.01 10.03
N LEU B 107 3.69 -28.74 10.34
CA LEU B 107 2.70 -27.97 11.09
C LEU B 107 1.35 -27.90 10.36
N VAL B 108 1.40 -27.54 9.08
CA VAL B 108 0.22 -27.58 8.24
C VAL B 108 -0.48 -28.96 8.32
N LYS B 109 0.27 -30.06 8.17
CA LYS B 109 -0.30 -31.44 8.24
C LYS B 109 -0.89 -31.77 9.64
N GLU B 110 -0.10 -31.48 10.67
CA GLU B 110 -0.47 -31.80 12.03
C GLU B 110 -1.68 -30.98 12.52
N LYS B 111 -1.74 -29.73 12.13
CA LYS B 111 -2.87 -28.88 12.53
C LYS B 111 -4.03 -28.83 11.52
N GLY B 112 -3.82 -29.38 10.33
CA GLY B 112 -4.84 -29.27 9.26
C GLY B 112 -5.04 -27.84 8.75
N LEU B 113 -3.96 -27.11 8.58
CA LEU B 113 -4.07 -25.73 8.16
C LEU B 113 -4.38 -25.68 6.67
N THR B 114 -5.46 -24.98 6.32
CA THR B 114 -6.07 -25.13 4.98
C THR B 114 -5.49 -24.02 4.12
N ASN B 115 -5.40 -22.83 4.74
CA ASN B 115 -4.75 -21.73 4.09
C ASN B 115 -3.77 -21.20 5.06
N ILE B 116 -2.91 -20.28 4.60
CA ILE B 116 -1.88 -19.67 5.41
C ILE B 116 -1.46 -18.27 4.97
N ASN B 117 -1.09 -17.47 5.95
CA ASN B 117 -0.52 -16.11 5.75
C ASN B 117 0.89 -16.14 6.30
N VAL B 119 4.43 -14.40 7.29
CA VAL B 119 5.03 -13.14 7.76
C VAL B 119 6.48 -13.44 8.07
N GLY B 120 7.35 -12.71 7.39
CA GLY B 120 8.81 -12.84 7.52
C GLY B 120 9.49 -11.53 7.72
N HIS B 121 10.57 -11.56 8.47
CA HIS B 121 11.36 -10.38 8.74
C HIS B 121 12.78 -10.69 8.31
N SER B 122 13.45 -9.72 7.68
CA SER B 122 14.88 -9.92 7.28
C SER B 122 15.00 -11.22 6.43
N VAL B 123 15.85 -12.16 6.79
CA VAL B 123 15.93 -13.43 5.99
C VAL B 123 14.68 -14.33 6.07
N GLY B 124 13.84 -14.15 7.08
CA GLY B 124 12.56 -14.84 7.07
C GLY B 124 11.70 -14.41 5.88
N ALA B 125 11.81 -13.12 5.53
CA ALA B 125 11.16 -12.61 4.31
C ALA B 125 11.89 -13.12 3.06
N THR B 126 13.22 -13.20 3.12
CA THR B 126 14.00 -13.85 2.06
C THR B 126 13.42 -15.23 1.79
N PHE B 127 13.26 -16.02 2.83
CA PHE B 127 12.69 -17.36 2.65
C PHE B 127 11.39 -17.34 1.96
N ILE B 128 10.49 -16.43 2.35
CA ILE B 128 9.16 -16.41 1.74
C ILE B 128 9.30 -16.08 0.23
N TRP B 129 10.18 -15.14 -0.07
CA TRP B 129 10.47 -14.74 -1.44
C TRP B 129 10.97 -15.99 -2.22
N GLN B 130 11.89 -16.75 -1.62
CA GLN B 130 12.38 -17.95 -2.27
C GLN B 130 11.25 -18.99 -2.54
N ILE B 131 10.34 -19.13 -1.60
CA ILE B 131 9.15 -19.96 -1.81
C ILE B 131 8.35 -19.44 -3.00
N LEU B 132 8.14 -18.12 -3.06
CA LEU B 132 7.41 -17.54 -4.22
C LEU B 132 8.03 -17.80 -5.60
N ALA B 133 9.36 -17.97 -5.63
CA ALA B 133 10.09 -18.29 -6.85
C ALA B 133 10.20 -19.78 -7.18
N ALA B 134 9.54 -20.68 -6.43
CA ALA B 134 9.70 -22.14 -6.61
C ALA B 134 9.38 -22.74 -8.02
N LEU B 135 8.50 -22.07 -8.79
CA LEU B 135 8.17 -22.54 -10.13
C LEU B 135 9.29 -22.36 -11.16
N LYS B 136 10.44 -21.86 -10.70
CA LYS B 136 11.64 -21.75 -11.50
C LYS B 136 12.13 -23.12 -11.94
N ASP B 137 11.75 -24.15 -11.18
CA ASP B 137 12.02 -25.52 -11.53
C ASP B 137 10.76 -26.25 -11.90
N PRO B 138 10.81 -26.98 -12.99
CA PRO B 138 9.66 -27.78 -13.41
C PRO B 138 9.41 -28.93 -12.47
N GLN B 139 8.17 -29.42 -12.45
CA GLN B 139 7.81 -30.57 -11.62
C GLN B 139 8.70 -31.77 -11.81
N GLU B 140 9.21 -31.95 -13.03
CA GLU B 140 10.05 -33.10 -13.36
C GLU B 140 11.41 -33.04 -12.64
N LYS B 141 11.79 -31.84 -12.20
CA LYS B 141 13.14 -31.55 -11.67
C LYS B 141 13.15 -31.14 -10.20
N SER B 143 13.25 -30.95 -6.34
CA SER B 143 13.69 -31.78 -5.23
C SER B 143 12.52 -31.99 -4.26
N GLU B 144 12.77 -32.76 -3.22
CA GLU B 144 11.71 -32.97 -2.23
C GLU B 144 11.40 -31.68 -1.50
N ALA B 145 12.44 -30.92 -1.14
CA ALA B 145 12.22 -29.59 -0.48
C ALA B 145 11.42 -28.69 -1.41
N GLN B 146 11.77 -28.72 -2.69
CA GLN B 146 11.06 -27.87 -3.68
C GLN B 146 9.63 -28.24 -3.88
N LEU B 147 9.36 -29.53 -3.93
CA LEU B 147 7.99 -30.03 -3.89
C LEU B 147 7.23 -29.57 -2.66
N GLN B 148 7.89 -29.55 -1.51
CA GLN B 148 7.24 -28.98 -0.32
C GLN B 148 6.89 -27.51 -0.50
N LEU B 150 6.26 -26.00 -3.34
CA LEU B 150 5.06 -26.02 -4.18
C LEU B 150 3.80 -26.28 -3.38
N GLY B 151 3.88 -27.20 -2.43
CA GLY B 151 2.69 -27.49 -1.64
C GLY B 151 2.37 -26.26 -0.77
N LEU B 152 3.35 -25.47 -0.36
CA LEU B 152 3.03 -24.24 0.39
C LEU B 152 2.37 -23.19 -0.51
N LEU B 153 2.88 -23.04 -1.72
CA LEU B 153 2.31 -22.11 -2.68
C LEU B 153 0.83 -22.42 -2.91
N GLN B 154 0.48 -23.70 -2.85
CA GLN B 154 -0.91 -24.09 -3.06
C GLN B 154 -1.88 -23.62 -2.02
N ILE B 155 -1.42 -23.25 -0.84
CA ILE B 155 -2.32 -22.90 0.28
C ILE B 155 -2.03 -21.51 0.90
N VAL B 156 -1.01 -20.85 0.40
CA VAL B 156 -0.67 -19.48 0.87
C VAL B 156 -1.68 -18.48 0.24
N LYS B 157 -2.20 -17.60 1.08
CA LYS B 157 -3.19 -16.61 0.65
C LYS B 157 -2.54 -15.23 0.53
N ARG B 158 -1.61 -14.96 1.42
CA ARG B 158 -1.00 -13.62 1.59
C ARG B 158 0.39 -13.78 2.18
N VAL B 159 1.29 -12.88 1.79
CA VAL B 159 2.60 -12.80 2.38
C VAL B 159 2.83 -11.37 2.84
N PHE B 160 3.57 -11.24 3.94
CA PHE B 160 3.93 -9.96 4.51
C PHE B 160 5.45 -9.99 4.72
N LEU B 161 6.14 -9.22 3.90
CA LEU B 161 7.61 -9.21 3.85
C LEU B 161 8.12 -7.95 4.50
N LEU B 162 8.70 -8.11 5.68
CA LEU B 162 9.16 -7.03 6.53
C LEU B 162 10.67 -6.82 6.47
N ASP B 163 11.10 -5.74 5.85
CA ASP B 163 12.52 -5.34 5.84
C ASP B 163 13.40 -6.52 5.37
N GLY B 164 13.05 -7.08 4.21
CA GLY B 164 13.66 -8.31 3.76
C GLY B 164 14.91 -8.11 2.90
N ILE B 165 15.60 -9.21 2.63
CA ILE B 165 16.68 -9.23 1.64
C ILE B 165 16.20 -10.03 0.45
N TYR B 166 16.21 -9.42 -0.73
CA TYR B 166 15.74 -10.11 -1.95
C TYR B 166 16.83 -10.34 -2.99
N SER B 167 17.81 -9.45 -3.02
CA SER B 167 18.88 -9.62 -3.96
C SER B 167 20.19 -9.66 -3.17
N LEU B 168 20.86 -10.81 -3.18
CA LEU B 168 22.22 -10.88 -2.65
C LEU B 168 23.22 -10.01 -3.37
N LYS B 169 23.10 -9.97 -4.68
CA LYS B 169 24.00 -9.15 -5.52
C LYS B 169 23.89 -7.67 -5.13
N GLU B 170 22.67 -7.18 -5.02
CA GLU B 170 22.49 -5.79 -4.61
C GLU B 170 22.92 -5.54 -3.18
N LEU B 171 22.78 -6.55 -2.32
CA LEU B 171 23.12 -6.38 -0.94
C LEU B 171 24.62 -6.13 -0.83
N LEU B 172 25.47 -6.92 -1.50
CA LEU B 172 26.94 -6.69 -1.40
C LEU B 172 27.42 -5.47 -2.19
N ILE B 173 26.72 -5.09 -3.24
CA ILE B 173 27.02 -3.86 -3.94
C ILE B 173 26.87 -2.69 -2.96
N GLU B 174 25.76 -2.65 -2.28
CA GLU B 174 25.46 -1.58 -1.33
C GLU B 174 26.32 -1.68 -0.08
N TYR B 175 26.46 -2.89 0.45
CA TYR B 175 27.25 -3.11 1.64
C TYR B 175 28.33 -4.20 1.50
N PRO B 176 29.49 -3.88 0.94
CA PRO B 176 30.52 -4.91 0.84
C PRO B 176 30.89 -5.55 2.19
N GLU B 177 30.72 -4.79 3.27
CA GLU B 177 31.06 -5.21 4.62
C GLU B 177 30.11 -6.33 5.13
N TYR B 178 28.95 -6.49 4.50
CA TYR B 178 28.03 -7.57 4.91
C TYR B 178 28.50 -8.93 4.38
N ASP B 179 29.62 -8.95 3.67
CA ASP B 179 30.29 -10.24 3.45
C ASP B 179 30.51 -11.00 4.77
N CYS B 180 30.59 -10.28 5.89
CA CYS B 180 30.87 -10.95 7.18
C CYS B 180 29.79 -11.99 7.54
N PHE B 181 28.57 -11.81 7.07
CA PHE B 181 27.53 -12.81 7.31
C PHE B 181 27.15 -13.53 6.03
N THR B 182 27.18 -12.87 4.87
CA THR B 182 26.85 -13.60 3.65
C THR B 182 27.86 -14.70 3.35
N ARG B 183 29.15 -14.49 3.66
CA ARG B 183 30.12 -15.57 3.51
C ARG B 183 29.80 -16.84 4.33
N LEU B 184 29.05 -16.71 5.41
CA LEU B 184 28.62 -17.86 6.26
C LEU B 184 27.46 -18.67 5.63
N ALA B 185 26.52 -17.96 5.04
CA ALA B 185 25.32 -18.57 4.45
C ALA B 185 25.59 -18.97 2.98
N PHE B 186 26.58 -18.33 2.34
CA PHE B 186 26.96 -18.57 0.96
C PHE B 186 28.44 -18.78 0.86
N PRO B 187 28.94 -19.86 1.42
CA PRO B 187 30.37 -20.07 1.50
C PRO B 187 31.12 -20.27 0.17
N ASP B 188 30.41 -20.75 -0.84
CA ASP B 188 30.90 -20.89 -2.19
C ASP B 188 30.59 -19.67 -3.06
N GLY B 189 30.14 -18.58 -2.46
CA GLY B 189 29.87 -17.33 -3.18
C GLY B 189 28.36 -17.05 -3.34
N ILE B 190 28.00 -15.77 -3.32
CA ILE B 190 26.59 -15.35 -3.45
C ILE B 190 26.04 -15.64 -4.86
N GLN B 191 26.88 -16.02 -5.82
CA GLN B 191 26.37 -16.38 -7.15
C GLN B 191 25.58 -17.68 -7.07
N TYR B 193 23.14 -18.04 -4.95
CA TYR B 193 21.76 -17.61 -4.73
C TYR B 193 20.93 -17.68 -6.01
N GLU B 194 19.90 -18.53 -5.97
CA GLU B 194 19.13 -18.88 -7.14
C GLU B 194 17.92 -17.97 -7.35
N GLU B 195 17.68 -17.04 -6.44
CA GLU B 195 16.46 -16.24 -6.50
C GLU B 195 16.65 -14.72 -6.68
N GLU B 196 17.62 -14.31 -7.51
CA GLU B 196 17.75 -12.91 -7.84
C GLU B 196 16.45 -12.52 -8.57
N PRO B 197 15.80 -11.42 -8.16
CA PRO B 197 14.52 -10.99 -8.74
C PRO B 197 14.54 -10.91 -10.25
N SER B 198 15.56 -10.30 -10.85
CA SER B 198 15.56 -10.15 -12.28
C SER B 198 15.66 -11.50 -12.95
N ARG B 199 16.22 -12.48 -12.25
CA ARG B 199 16.33 -13.81 -12.79
C ARG B 199 15.01 -14.59 -12.66
N VAL B 200 14.29 -14.46 -11.54
CA VAL B 200 13.14 -15.35 -11.30
C VAL B 200 11.78 -14.66 -11.37
N PRO B 202 9.81 -13.87 -13.80
CA PRO B 202 8.83 -14.58 -14.65
C PRO B 202 8.10 -15.75 -13.96
N TYR B 203 8.83 -16.45 -13.08
CA TYR B 203 8.30 -17.59 -12.35
C TYR B 203 7.47 -17.14 -11.18
N VAL B 204 7.89 -16.06 -10.52
CA VAL B 204 7.06 -15.44 -9.46
C VAL B 204 5.72 -14.99 -10.08
N LYS B 205 5.81 -14.35 -11.23
CA LYS B 205 4.62 -13.95 -11.98
C LYS B 205 3.69 -15.16 -12.22
N LYS B 206 4.22 -16.26 -12.69
CA LYS B 206 3.43 -17.49 -12.81
C LYS B 206 2.75 -17.89 -11.51
N ALA B 207 3.48 -17.80 -10.40
CA ALA B 207 2.99 -18.31 -9.14
C ALA B 207 1.82 -17.48 -8.67
N LEU B 208 2.03 -16.17 -8.68
CA LEU B 208 1.09 -15.27 -8.04
C LEU B 208 -0.25 -15.29 -8.71
N SER B 209 -0.23 -15.40 -10.03
CA SER B 209 -1.45 -15.51 -10.77
C SER B 209 -2.07 -16.92 -10.67
N ARG B 210 -1.28 -17.98 -10.92
CA ARG B 210 -1.76 -19.36 -10.75
C ARG B 210 -2.42 -19.58 -9.38
N PHE B 211 -1.90 -18.95 -8.35
CA PHE B 211 -2.38 -19.18 -6.99
C PHE B 211 -3.06 -18.02 -6.29
N SER B 212 -3.17 -16.85 -6.86
CA SER B 212 -3.87 -15.81 -6.08
C SER B 212 -3.23 -15.57 -4.68
N ILE B 213 -2.06 -15.01 -4.71
CA ILE B 213 -1.33 -14.69 -3.53
C ILE B 213 -1.24 -13.16 -3.46
N ASP B 214 -1.67 -12.61 -2.35
CA ASP B 214 -1.53 -11.17 -2.09
C ASP B 214 -0.18 -10.84 -1.47
N HIS B 216 2.45 -8.18 0.26
CA HIS B 216 2.60 -6.93 1.04
C HIS B 216 4.08 -6.75 1.38
N LEU B 217 4.64 -5.60 1.01
CA LEU B 217 6.02 -5.28 1.25
C LEU B 217 6.06 -4.15 2.28
N VAL B 218 6.88 -4.29 3.34
CA VAL B 218 6.94 -3.34 4.42
C VAL B 218 8.40 -3.00 4.64
N HIS B 219 8.71 -1.73 4.81
CA HIS B 219 10.03 -1.33 5.25
C HIS B 219 9.97 -0.11 6.16
N SER B 220 10.93 -0.04 7.05
CA SER B 220 11.07 1.08 7.96
C SER B 220 12.05 2.14 7.51
N TYR B 221 11.63 3.40 7.59
CA TYR B 221 12.56 4.48 7.29
C TYR B 221 13.68 4.51 8.35
N SER B 222 13.45 3.86 9.49
CA SER B 222 14.42 3.87 10.58
C SER B 222 15.34 2.66 10.65
N ASP B 223 15.20 1.79 9.65
CA ASP B 223 16.04 0.61 9.55
C ASP B 223 17.49 1.00 9.24
N GLU B 224 18.33 0.74 10.22
CA GLU B 224 19.72 1.12 10.21
C GLU B 224 20.57 0.08 9.47
N LEU B 225 20.06 -1.12 9.27
CA LEU B 225 20.80 -2.17 8.58
C LEU B 225 20.55 -2.18 7.09
N LEU B 226 19.34 -1.82 6.68
CA LEU B 226 18.97 -1.83 5.26
C LEU B 226 18.32 -0.51 4.87
N THR B 227 18.84 0.15 3.83
CA THR B 227 18.15 1.29 3.28
C THR B 227 16.96 0.76 2.49
N LEU B 228 16.30 1.68 1.82
CA LEU B 228 15.27 1.32 0.87
C LEU B 228 15.72 0.62 -0.42
N ARG B 229 17.02 0.50 -0.68
CA ARG B 229 17.47 -0.10 -1.94
C ARG B 229 16.89 -1.50 -2.23
N GLN B 230 16.93 -2.40 -1.26
CA GLN B 230 16.44 -3.76 -1.46
C GLN B 230 14.96 -3.69 -1.90
N THR B 231 14.23 -2.87 -1.17
CA THR B 231 12.79 -2.74 -1.44
C THR B 231 12.54 -2.15 -2.83
N ASN B 232 13.26 -1.07 -3.17
CA ASN B 232 13.11 -0.41 -4.44
C ASN B 232 13.53 -1.31 -5.61
N CYS B 233 14.58 -2.10 -5.42
CA CYS B 233 15.02 -3.05 -6.48
C CYS B 233 13.90 -4.09 -6.72
N LEU B 234 13.26 -4.56 -5.65
CA LEU B 234 12.17 -5.52 -5.77
C LEU B 234 10.94 -4.89 -6.47
N ILE B 235 10.57 -3.69 -6.05
CA ILE B 235 9.44 -2.96 -6.67
C ILE B 235 9.62 -2.76 -8.15
N SER B 236 10.82 -2.34 -8.54
CA SER B 236 11.08 -2.09 -9.94
C SER B 236 10.83 -3.37 -10.77
N CYS B 237 11.37 -4.47 -10.29
CA CYS B 237 11.16 -5.75 -10.92
C CYS B 237 9.68 -6.19 -10.96
N LEU B 238 8.98 -6.06 -9.84
CA LEU B 238 7.48 -6.29 -9.79
C LEU B 238 6.72 -5.49 -10.78
N GLN B 239 7.03 -4.18 -10.86
CA GLN B 239 6.39 -3.34 -11.82
C GLN B 239 6.70 -3.77 -13.24
N ASP B 240 7.94 -4.14 -13.52
CA ASP B 240 8.31 -4.59 -14.87
C ASP B 240 7.48 -5.78 -15.33
N TYR B 241 7.06 -6.66 -14.41
CA TYR B 241 6.23 -7.84 -14.75
C TYR B 241 4.77 -7.66 -14.47
N GLN B 242 4.39 -6.44 -14.10
CA GLN B 242 3.02 -6.06 -13.77
C GLN B 242 2.42 -7.00 -12.71
N LEU B 243 3.21 -7.27 -11.70
CA LEU B 243 2.78 -8.08 -10.56
C LEU B 243 2.11 -7.14 -9.54
N SER B 244 0.88 -7.51 -9.14
CA SER B 244 0.18 -6.77 -8.08
C SER B 244 0.81 -6.95 -6.72
N PHE B 245 0.90 -5.84 -5.95
CA PHE B 245 1.44 -5.86 -4.62
C PHE B 245 0.99 -4.59 -3.91
N LYS B 246 1.08 -4.64 -2.59
CA LYS B 246 0.93 -3.48 -1.74
C LYS B 246 2.27 -3.18 -1.03
N LEU B 247 2.56 -1.90 -0.83
CA LEU B 247 3.72 -1.39 -0.13
C LEU B 247 3.26 -0.52 1.02
N TYR B 248 3.94 -0.65 2.16
CA TYR B 248 3.72 0.19 3.29
C TYR B 248 5.08 0.63 3.81
N LEU B 249 5.34 1.92 3.70
CA LEU B 249 6.55 2.51 4.28
C LEU B 249 6.19 3.41 5.48
N ASP B 250 6.96 3.30 6.56
CA ASP B 250 6.73 4.16 7.70
C ASP B 250 7.99 4.16 8.56
N ASP B 251 8.00 5.04 9.56
CA ASP B 251 8.91 4.93 10.62
C ASP B 251 8.46 3.88 11.60
N LEU B 252 9.06 2.71 11.49
CA LEU B 252 8.67 1.53 12.28
C LEU B 252 9.80 1.05 13.19
N GLY B 253 10.81 1.89 13.37
CA GLY B 253 11.88 1.59 14.28
C GLY B 253 13.11 1.04 13.59
N LEU B 254 14.11 0.76 14.40
CA LEU B 254 15.33 0.16 13.93
C LEU B 254 15.02 -1.24 13.38
N HIS B 255 16.00 -1.84 12.72
CA HIS B 255 15.79 -3.13 12.05
C HIS B 255 15.15 -4.19 12.95
N ASN B 256 15.72 -4.44 14.13
CA ASN B 256 15.19 -5.50 15.04
C ASN B 256 14.06 -5.00 15.94
N ASP B 257 13.56 -3.80 15.69
CA ASP B 257 12.33 -3.36 16.36
C ASP B 257 11.06 -3.42 15.49
N VAL B 258 11.24 -3.57 14.18
CA VAL B 258 10.16 -3.49 13.24
C VAL B 258 9.10 -4.54 13.59
N TYR B 259 9.53 -5.76 13.89
CA TYR B 259 8.60 -6.86 14.10
C TYR B 259 7.88 -6.79 15.46
N LYS B 260 8.24 -5.79 16.28
CA LYS B 260 7.58 -5.54 17.54
C LYS B 260 6.70 -4.28 17.48
N ASN B 261 6.58 -3.64 16.33
CA ASN B 261 5.86 -2.34 16.24
C ASN B 261 4.35 -2.55 16.15
N GLY B 262 3.59 -1.82 16.98
CA GLY B 262 2.13 -1.94 16.96
C GLY B 262 1.48 -1.57 15.65
N LYS B 263 2.12 -0.67 14.88
CA LYS B 263 1.64 -0.32 13.54
C LYS B 263 1.75 -1.48 12.54
N VAL B 264 2.78 -2.29 12.72
CA VAL B 264 2.90 -3.52 11.90
C VAL B 264 1.80 -4.51 12.29
N ALA B 265 1.56 -4.70 13.58
CA ALA B 265 0.55 -5.57 14.04
C ALA B 265 -0.76 -5.12 13.45
N LYS B 266 -1.07 -3.83 13.54
CA LYS B 266 -2.36 -3.33 13.00
C LYS B 266 -2.42 -3.58 11.46
N TYR B 267 -1.33 -3.33 10.76
CA TYR B 267 -1.28 -3.48 9.29
C TYR B 267 -1.63 -4.92 8.87
N ILE B 268 -1.05 -5.88 9.58
CA ILE B 268 -1.30 -7.26 9.30
C ILE B 268 -2.73 -7.65 9.56
N PHE B 269 -3.22 -7.32 10.75
CA PHE B 269 -4.57 -7.71 11.10
C PHE B 269 -5.57 -7.10 10.14
N ASP B 270 -5.43 -5.82 9.82
CA ASP B 270 -6.41 -5.16 8.97
C ASP B 270 -6.35 -5.69 7.56
N ASN B 271 -5.22 -6.27 7.18
CA ASN B 271 -5.10 -6.87 5.86
C ASN B 271 -5.37 -8.37 5.73
N ILE B 272 -5.79 -8.99 6.81
CA ILE B 272 -6.26 -10.34 6.73
C ILE B 272 -7.76 -10.17 6.69
N CYS B 273 -8.28 -9.95 5.47
CA CYS B 273 -9.72 -9.74 5.21
C CYS B 273 -10.02 -9.79 3.71
#